data_5YH5
#
_entry.id   5YH5
#
_cell.length_a   149.395
_cell.length_b   149.395
_cell.length_c   53.635
_cell.angle_alpha   90.00
_cell.angle_beta   90.00
_cell.angle_gamma   120.00
#
_symmetry.space_group_name_H-M   'P 61'
#
loop_
_entity.id
_entity.type
_entity.pdbx_description
1 polymer 'Nickel ABC transporter substrate-binding protein'
2 non-polymer 1,2-ETHANEDIOL
3 non-polymer DI(HYDROXYETHYL)ETHER
#
_entity_poly.entity_id   1
_entity_poly.type   'polypeptide(L)'
_entity_poly.pdbx_seq_one_letter_code
;GLEEKKENKQLTYTTVKDIGDMNPHVYGGSMSAESMIYEPLVRNTKDGIKPLLAKKWDVSEDGKTYTFHLRDDVKFHDGT
PFDADAVKKNIDAVQENKKLHSWLKISTLIDNVKVKDKYTVELNLKEAYQPALAELAMPRPYVFVSPKDFKNGTTKDGVK
KFDGTGPFKLGEHKKDESADFNKNDQYWGEKSKLNKVQAKVMPAGETAFLSMKKGETNFAFTDDRGTDSLDKDSLKQLKD
TGDYQVKRSQPMNTKMLVVNSGKKDNAVSDKTVRQAIGHMVNRDKIAKEILDGQEKPATQLFAKNVTDINFDMPTRKYDL
KKAESLLDEAGWKKGKDSDVRQKDGKNLEMAMYYDKGSSSQKEQAEYLQAEFKKMGIKLNINGETSDKIAERRTSGDYDL
MFNQTWGLLYDPQSTIAAFKAKNGYESATSGIENKDKIYNSIDDAFKIQNGKERSDAYKNILKQIDDEGIFIPISHGSMT
VVAPKDLEKVSFTQSQYELPFNEMQYK
;
_entity_poly.pdbx_strand_id   A
#
# COMPACT_ATOMS: atom_id res chain seq x y z
N GLY A 1 24.08 -8.68 -25.17
CA GLY A 1 24.02 -8.01 -23.89
C GLY A 1 22.69 -8.26 -23.22
N LEU A 2 21.67 -7.66 -23.77
CA LEU A 2 20.32 -7.85 -23.27
C LEU A 2 19.74 -9.15 -23.81
N GLU A 3 20.21 -9.55 -24.98
CA GLU A 3 19.80 -10.78 -25.60
C GLU A 3 20.40 -11.92 -24.85
N GLU A 4 21.61 -11.78 -24.31
CA GLU A 4 22.04 -12.96 -23.57
C GLU A 4 21.26 -13.33 -22.31
N LYS A 5 20.59 -12.40 -21.64
CA LYS A 5 19.66 -12.78 -20.52
C LYS A 5 18.33 -13.46 -20.93
N LYS A 6 17.85 -13.23 -22.17
CA LYS A 6 16.79 -14.03 -22.73
C LYS A 6 17.27 -15.48 -22.93
N GLU A 7 18.51 -15.70 -23.30
CA GLU A 7 18.94 -17.06 -23.50
C GLU A 7 19.13 -17.83 -22.21
N ASN A 8 19.40 -17.15 -21.11
CA ASN A 8 19.41 -17.84 -19.78
C ASN A 8 18.14 -17.69 -19.01
N LYS A 9 17.12 -17.10 -19.66
CA LYS A 9 15.78 -17.06 -19.14
C LYS A 9 15.81 -16.39 -17.71
N GLN A 10 16.04 -15.08 -17.77
CA GLN A 10 16.56 -14.33 -16.65
C GLN A 10 16.17 -12.83 -16.63
N LEU A 11 15.81 -12.37 -15.43
CA LEU A 11 15.59 -10.94 -15.14
C LEU A 11 16.66 -10.51 -14.17
N THR A 12 17.29 -9.38 -14.45
CA THR A 12 18.10 -8.67 -13.52
C THR A 12 17.45 -7.31 -13.52
N TYR A 13 16.91 -6.93 -12.36
CA TYR A 13 16.28 -5.61 -12.18
C TYR A 13 17.09 -4.58 -11.40
N THR A 14 16.96 -3.31 -11.78
CA THR A 14 17.65 -2.24 -11.05
C THR A 14 16.80 -1.89 -9.82
N THR A 15 17.42 -1.88 -8.65
CA THR A 15 16.84 -1.20 -7.47
C THR A 15 17.77 -0.27 -6.71
N VAL A 16 17.17 0.69 -6.01
CA VAL A 16 17.97 1.66 -5.26
C VAL A 16 18.54 1.18 -3.93
N LYS A 17 18.22 -0.03 -3.49
CA LYS A 17 18.64 -0.50 -2.18
C LYS A 17 18.81 -2.01 -2.03
N ASP A 18 19.54 -2.38 -0.99
CA ASP A 18 19.78 -3.77 -0.67
C ASP A 18 18.43 -4.37 -0.39
N ILE A 19 18.34 -5.69 -0.45
CA ILE A 19 17.10 -6.36 -0.20
C ILE A 19 16.81 -6.43 1.28
N GLY A 20 17.84 -6.55 2.10
CA GLY A 20 17.71 -6.28 3.53
C GLY A 20 17.63 -7.54 4.34
N ASP A 21 17.01 -7.45 5.52
CA ASP A 21 16.92 -8.59 6.39
C ASP A 21 15.79 -9.46 5.84
N MET A 22 16.15 -10.56 5.19
CA MET A 22 15.17 -11.52 4.64
C MET A 22 14.40 -12.36 5.67
N ASN A 23 14.38 -11.92 6.92
CA ASN A 23 13.51 -12.49 7.93
C ASN A 23 12.15 -11.88 7.62
N PRO A 24 11.20 -12.73 7.30
CA PRO A 24 9.89 -12.25 6.96
C PRO A 24 9.00 -12.02 8.15
N HIS A 25 9.40 -12.48 9.34
CA HIS A 25 8.68 -12.12 10.57
C HIS A 25 9.27 -10.85 11.09
N VAL A 26 10.01 -10.11 10.26
CA VAL A 26 10.39 -8.76 10.63
C VAL A 26 10.50 -7.84 9.43
N TYR A 27 10.58 -6.55 9.70
CA TYR A 27 10.26 -5.56 8.71
C TYR A 27 11.52 -4.95 8.00
N GLY A 28 12.67 -5.54 8.26
CA GLY A 28 13.83 -5.24 7.43
C GLY A 28 13.79 -5.61 5.94
N GLY A 29 13.30 -6.79 5.58
CA GLY A 29 13.43 -7.22 4.18
C GLY A 29 12.69 -6.41 3.13
N SER A 30 13.07 -6.59 1.87
CA SER A 30 12.34 -6.05 0.74
C SER A 30 11.07 -6.83 0.56
N MET A 31 9.94 -6.14 0.52
CA MET A 31 8.69 -6.89 0.39
C MET A 31 8.63 -7.75 -0.88
N SER A 32 9.07 -7.23 -2.04
CA SER A 32 8.93 -8.02 -3.26
C SER A 32 9.78 -9.27 -3.23
N ALA A 33 10.96 -9.15 -2.62
CA ALA A 33 11.88 -10.30 -2.47
C ALA A 33 11.28 -11.36 -1.59
N GLU A 34 10.74 -10.93 -0.47
CA GLU A 34 10.16 -11.88 0.48
C GLU A 34 9.06 -12.73 -0.14
N SER A 35 8.28 -12.15 -1.09
CA SER A 35 7.14 -12.84 -1.76
C SER A 35 7.59 -13.87 -2.74
N MET A 36 8.83 -13.70 -3.20
CA MET A 36 9.50 -14.68 -4.07
C MET A 36 9.84 -15.96 -3.35
N ILE A 37 10.29 -15.87 -2.12
CA ILE A 37 10.77 -17.07 -1.42
C ILE A 37 9.86 -17.58 -0.28
N TYR A 38 8.90 -16.78 0.18
CA TYR A 38 8.00 -17.23 1.20
C TYR A 38 6.57 -17.07 0.72
N GLU A 39 5.67 -17.72 1.45
CA GLU A 39 4.26 -17.75 1.08
C GLU A 39 3.39 -17.68 2.36
N PRO A 40 2.21 -17.05 2.27
CA PRO A 40 1.16 -17.15 3.27
C PRO A 40 0.24 -18.37 3.05
N LEU A 41 -0.87 -18.43 3.78
CA LEU A 41 -1.86 -19.49 3.63
C LEU A 41 -2.87 -19.28 2.49
N VAL A 42 -3.04 -18.06 2.05
CA VAL A 42 -4.09 -17.73 1.08
C VAL A 42 -3.63 -16.52 0.23
N ARG A 43 -3.83 -16.62 -1.08
CA ARG A 43 -3.38 -15.58 -1.96
C ARG A 43 -4.52 -14.60 -2.05
N ASN A 44 -4.21 -13.30 -2.05
CA ASN A 44 -5.21 -12.26 -2.21
C ASN A 44 -5.08 -11.72 -3.62
N THR A 45 -6.15 -11.68 -4.39
CA THR A 45 -5.95 -11.41 -5.80
C THR A 45 -6.88 -10.34 -6.23
N LYS A 46 -6.57 -9.83 -7.43
CA LYS A 46 -7.38 -8.75 -7.99
C LYS A 46 -8.83 -9.17 -7.83
N ASP A 47 -9.11 -10.43 -8.24
CA ASP A 47 -10.44 -11.09 -8.28
C ASP A 47 -10.75 -11.84 -6.93
N GLY A 48 -10.70 -11.19 -5.76
CA GLY A 48 -10.89 -11.88 -4.44
C GLY A 48 -9.81 -12.84 -3.87
N ILE A 49 -10.11 -13.51 -2.74
CA ILE A 49 -9.21 -14.52 -2.06
C ILE A 49 -9.24 -15.93 -2.69
N LYS A 50 -8.06 -16.54 -2.81
CA LYS A 50 -7.86 -17.83 -3.49
C LYS A 50 -6.95 -18.79 -2.67
N PRO A 51 -7.05 -20.11 -2.91
CA PRO A 51 -6.18 -21.02 -2.17
C PRO A 51 -4.74 -20.96 -2.63
N LEU A 52 -3.89 -21.60 -1.85
CA LEU A 52 -2.46 -21.66 -2.10
C LEU A 52 -1.97 -22.12 -0.79
N LEU A 53 -1.36 -23.30 -0.70
CA LEU A 53 -0.72 -23.73 0.56
C LEU A 53 -1.71 -24.13 1.63
N ALA A 54 -2.92 -23.57 1.58
CA ALA A 54 -4.05 -23.98 2.37
C ALA A 54 -5.18 -24.14 1.37
N LYS A 55 -5.34 -25.38 0.90
CA LYS A 55 -6.15 -25.65 -0.25
C LYS A 55 -7.61 -25.30 0.02
N LYS A 56 -8.04 -25.35 1.26
CA LYS A 56 -9.43 -25.05 1.60
C LYS A 56 -9.48 -24.63 3.05
N TRP A 57 -10.53 -23.90 3.43
CA TRP A 57 -10.58 -23.46 4.79
C TRP A 57 -11.99 -23.10 5.16
N ASP A 58 -12.37 -23.42 6.41
CA ASP A 58 -13.69 -23.11 6.95
C ASP A 58 -13.56 -21.95 7.88
N VAL A 59 -14.66 -21.24 7.98
CA VAL A 59 -14.79 -20.12 8.86
C VAL A 59 -16.05 -20.37 9.71
N SER A 60 -15.93 -20.34 11.03
CA SER A 60 -17.11 -20.34 11.93
C SER A 60 -17.84 -18.98 11.94
N GLU A 61 -19.01 -18.99 12.59
CA GLU A 61 -19.97 -17.90 12.51
C GLU A 61 -19.63 -16.80 13.46
N ASP A 62 -19.58 -17.15 14.75
CA ASP A 62 -19.25 -16.21 15.84
C ASP A 62 -17.99 -15.44 15.47
N GLY A 63 -17.27 -16.04 14.52
CA GLY A 63 -16.37 -15.38 13.62
C GLY A 63 -15.00 -15.41 14.24
N LYS A 64 -14.65 -16.54 14.84
CA LYS A 64 -13.44 -16.66 15.64
C LYS A 64 -12.80 -18.01 15.37
N THR A 65 -13.07 -18.65 14.24
CA THR A 65 -12.47 -19.97 14.01
C THR A 65 -12.24 -20.21 12.54
N TYR A 66 -11.00 -19.94 12.18
CA TYR A 66 -10.54 -20.22 10.86
C TYR A 66 -9.90 -21.60 10.97
N THR A 67 -10.39 -22.53 10.16
CA THR A 67 -9.85 -23.84 10.12
C THR A 67 -9.29 -24.00 8.72
N PHE A 68 -8.00 -24.34 8.65
CA PHE A 68 -7.25 -24.34 7.40
C PHE A 68 -6.82 -25.75 7.10
N HIS A 69 -7.25 -26.28 5.95
CA HIS A 69 -6.84 -27.61 5.51
C HIS A 69 -5.73 -27.38 4.51
N LEU A 70 -4.57 -27.94 4.84
CA LEU A 70 -3.34 -27.65 4.15
C LEU A 70 -3.04 -28.65 3.13
N ARG A 71 -2.94 -28.22 1.89
CA ARG A 71 -2.08 -28.88 0.94
C ARG A 71 -0.88 -29.54 1.66
N ASP A 72 -0.54 -30.75 1.20
CA ASP A 72 0.42 -31.64 1.87
C ASP A 72 1.81 -31.53 1.25
N ASP A 73 1.88 -31.72 -0.07
CA ASP A 73 3.14 -31.87 -0.85
C ASP A 73 4.09 -30.65 -0.99
N VAL A 74 3.79 -29.57 -0.29
CA VAL A 74 4.74 -28.47 -0.17
C VAL A 74 5.88 -28.82 0.77
N LYS A 75 7.05 -28.35 0.38
CA LYS A 75 8.31 -28.78 0.92
C LYS A 75 9.19 -27.52 1.16
N PHE A 76 9.66 -27.30 2.40
CA PHE A 76 10.57 -26.17 2.69
C PHE A 76 11.85 -26.27 1.88
N HIS A 77 12.46 -25.12 1.57
CA HIS A 77 13.67 -25.04 0.73
C HIS A 77 14.94 -25.74 1.29
N ASP A 78 15.02 -25.98 2.61
CA ASP A 78 16.12 -26.81 3.19
C ASP A 78 15.83 -28.31 2.99
N GLY A 79 14.55 -28.68 3.01
CA GLY A 79 14.11 -30.06 3.02
C GLY A 79 13.45 -30.43 4.34
N THR A 80 12.94 -29.46 5.10
CA THR A 80 12.04 -29.76 6.20
C THR A 80 10.63 -29.93 5.59
N PRO A 81 9.85 -30.92 6.03
CA PRO A 81 8.48 -30.95 5.53
C PRO A 81 7.62 -29.80 6.07
N PHE A 82 6.62 -29.40 5.27
CA PHE A 82 5.61 -28.42 5.66
C PHE A 82 4.30 -29.14 5.93
N ASP A 83 3.89 -28.98 7.18
CA ASP A 83 2.72 -29.57 7.74
C ASP A 83 1.98 -28.58 8.61
N ALA A 84 1.11 -29.09 9.46
CA ALA A 84 0.30 -28.24 10.29
C ALA A 84 0.94 -27.77 11.57
N ASP A 85 2.08 -28.32 11.93
CA ASP A 85 2.72 -27.89 13.16
C ASP A 85 3.53 -26.67 12.85
N ALA A 86 4.31 -26.81 11.79
CA ALA A 86 5.20 -25.79 11.27
C ALA A 86 4.49 -24.47 11.20
N VAL A 87 3.23 -24.52 10.82
CA VAL A 87 2.49 -23.26 10.77
C VAL A 87 2.28 -22.70 12.18
N LYS A 88 1.93 -23.58 13.13
CA LYS A 88 1.71 -23.19 14.52
C LYS A 88 2.94 -22.56 15.16
N LYS A 89 4.12 -23.12 14.88
CA LYS A 89 5.39 -22.64 15.48
C LYS A 89 5.81 -21.31 14.87
N ASN A 90 5.55 -21.20 13.56
CA ASN A 90 5.66 -19.93 12.85
C ASN A 90 4.81 -18.84 13.49
N ILE A 91 3.51 -19.07 13.53
CA ILE A 91 2.60 -18.03 14.01
C ILE A 91 2.87 -17.68 15.47
N ASP A 92 3.20 -18.69 16.31
CA ASP A 92 3.54 -18.46 17.73
C ASP A 92 4.70 -17.49 17.85
N ALA A 93 5.80 -17.86 17.19
CA ALA A 93 7.03 -17.05 17.05
C ALA A 93 6.83 -15.59 16.61
N VAL A 94 5.91 -15.41 15.67
CA VAL A 94 5.52 -14.09 15.20
C VAL A 94 4.80 -13.46 16.40
N GLN A 95 3.81 -14.20 16.92
CA GLN A 95 2.95 -13.66 17.95
C GLN A 95 3.62 -13.49 19.32
N GLU A 96 4.81 -14.05 19.54
CA GLU A 96 5.64 -13.68 20.72
C GLU A 96 6.04 -12.21 20.63
N ASN A 97 6.23 -11.74 19.40
CA ASN A 97 6.66 -10.38 19.16
C ASN A 97 5.52 -9.36 18.88
N LYS A 98 4.31 -9.67 19.37
CA LYS A 98 3.09 -8.83 19.14
C LYS A 98 3.40 -7.32 19.09
N LYS A 99 4.38 -6.86 19.89
CA LYS A 99 4.67 -5.43 20.00
C LYS A 99 4.79 -4.77 18.61
N LEU A 100 5.81 -5.08 17.81
CA LEU A 100 5.97 -4.33 16.56
C LEU A 100 4.97 -4.72 15.47
N HIS A 101 4.23 -5.84 15.64
CA HIS A 101 3.14 -6.21 14.69
C HIS A 101 1.76 -5.58 14.95
N SER A 102 1.64 -4.80 16.02
CA SER A 102 0.34 -4.36 16.48
C SER A 102 -0.28 -3.23 15.67
N TRP A 103 0.42 -2.73 14.65
CA TRP A 103 -0.16 -1.85 13.57
C TRP A 103 -1.11 -2.62 12.71
N LEU A 104 -1.00 -3.96 12.71
CA LEU A 104 -1.85 -4.92 11.99
C LEU A 104 -2.93 -5.59 12.93
N LYS A 105 -4.17 -5.09 12.85
CA LYS A 105 -5.27 -5.56 13.69
C LYS A 105 -5.36 -7.04 14.00
N ILE A 106 -5.12 -7.92 13.05
CA ILE A 106 -5.21 -9.37 13.35
C ILE A 106 -4.18 -9.85 14.39
N SER A 107 -2.99 -9.27 14.38
CA SER A 107 -1.99 -9.54 15.45
C SER A 107 -2.53 -9.29 16.88
N THR A 108 -3.44 -8.31 17.00
CA THR A 108 -4.01 -7.88 18.23
C THR A 108 -5.13 -8.88 18.51
N LEU A 109 -6.11 -8.91 17.63
CA LEU A 109 -7.23 -9.87 17.71
C LEU A 109 -6.76 -11.33 17.48
N ILE A 110 -6.01 -11.88 18.43
CA ILE A 110 -5.66 -13.29 18.38
C ILE A 110 -5.54 -13.80 19.80
N ASP A 111 -5.90 -15.06 19.94
CA ASP A 111 -6.01 -15.70 21.21
C ASP A 111 -4.89 -16.72 21.19
N ASN A 112 -5.01 -17.68 20.29
CA ASN A 112 -4.08 -18.79 20.23
C ASN A 112 -4.38 -19.59 18.99
N VAL A 113 -3.58 -20.66 18.83
CA VAL A 113 -3.76 -21.59 17.73
C VAL A 113 -3.23 -23.02 17.98
N LYS A 114 -3.86 -24.01 17.31
CA LYS A 114 -3.63 -25.41 17.59
C LYS A 114 -3.67 -26.24 16.30
N VAL A 115 -2.98 -27.39 16.34
CA VAL A 115 -2.87 -28.34 15.20
C VAL A 115 -3.85 -29.54 15.30
N LYS A 116 -4.85 -29.59 14.42
CA LYS A 116 -5.84 -30.69 14.42
C LYS A 116 -5.32 -32.05 13.98
N ASP A 117 -4.29 -32.06 13.14
CA ASP A 117 -3.62 -33.29 12.70
C ASP A 117 -2.50 -32.85 11.74
N LYS A 118 -1.84 -33.79 11.06
CA LYS A 118 -0.67 -33.47 10.20
C LYS A 118 -0.93 -32.42 9.10
N TYR A 119 -2.18 -32.17 8.74
CA TYR A 119 -2.49 -31.21 7.68
C TYR A 119 -3.65 -30.27 7.94
N THR A 120 -4.06 -30.09 9.19
CA THR A 120 -5.20 -29.22 9.50
C THR A 120 -4.86 -28.29 10.67
N VAL A 121 -5.20 -27.00 10.55
CA VAL A 121 -4.84 -25.99 11.59
C VAL A 121 -5.96 -25.01 11.94
N GLU A 122 -6.23 -24.86 13.21
CA GLU A 122 -7.26 -23.96 13.63
C GLU A 122 -6.64 -22.69 14.11
N LEU A 123 -7.29 -21.58 13.84
CA LEU A 123 -6.81 -20.32 14.32
C LEU A 123 -7.95 -19.73 15.09
N ASN A 124 -7.65 -19.15 16.24
CA ASN A 124 -8.74 -18.67 17.07
C ASN A 124 -8.51 -17.23 17.43
N LEU A 125 -9.53 -16.40 17.24
CA LEU A 125 -9.49 -14.96 17.51
C LEU A 125 -10.25 -14.48 18.77
N LYS A 126 -9.56 -13.62 19.50
CA LYS A 126 -10.12 -12.73 20.53
C LYS A 126 -11.51 -12.11 20.10
N GLU A 127 -11.67 -11.72 18.82
CA GLU A 127 -13.01 -11.38 18.28
C GLU A 127 -13.04 -11.49 16.75
N ALA A 128 -14.20 -11.19 16.11
CA ALA A 128 -14.32 -11.32 14.66
C ALA A 128 -13.66 -10.14 13.90
N TYR A 129 -13.14 -10.49 12.72
CA TYR A 129 -12.46 -9.55 11.81
C TYR A 129 -12.51 -10.28 10.47
N GLN A 130 -13.35 -9.78 9.59
CA GLN A 130 -13.54 -10.48 8.36
C GLN A 130 -12.19 -10.40 7.55
N PRO A 131 -11.58 -9.17 7.42
CA PRO A 131 -10.29 -8.90 6.83
C PRO A 131 -9.12 -9.79 7.17
N ALA A 132 -9.19 -10.53 8.28
CA ALA A 132 -8.12 -11.43 8.71
C ALA A 132 -7.44 -12.14 7.57
N LEU A 133 -8.23 -12.80 6.76
CA LEU A 133 -7.69 -13.54 5.62
C LEU A 133 -6.82 -12.64 4.73
N ALA A 134 -7.24 -11.42 4.49
CA ALA A 134 -6.41 -10.48 3.74
C ALA A 134 -5.05 -10.13 4.42
N GLU A 135 -5.03 -10.12 5.74
CA GLU A 135 -3.88 -9.69 6.52
C GLU A 135 -2.94 -10.88 6.66
N LEU A 136 -3.58 -12.02 6.93
CA LEU A 136 -2.94 -13.32 6.71
C LEU A 136 -2.28 -13.52 5.35
N ALA A 137 -2.88 -12.93 4.33
CA ALA A 137 -2.41 -13.05 2.96
C ALA A 137 -1.17 -12.23 2.63
N MET A 138 -0.84 -11.24 3.45
CA MET A 138 0.31 -10.35 3.22
C MET A 138 1.66 -11.12 3.27
N PRO A 139 2.67 -10.67 2.53
CA PRO A 139 3.90 -11.47 2.46
C PRO A 139 4.69 -11.41 3.73
N ARG A 140 4.24 -10.56 4.66
CA ARG A 140 4.68 -10.53 6.06
C ARG A 140 3.55 -9.92 6.94
N PRO A 141 3.53 -10.30 8.23
CA PRO A 141 4.43 -11.22 8.89
C PRO A 141 4.02 -12.69 8.77
N TYR A 142 2.81 -13.02 8.28
CA TYR A 142 2.28 -14.38 8.47
C TYR A 142 2.71 -15.38 7.40
N VAL A 143 4.01 -15.58 7.28
CA VAL A 143 4.55 -16.42 6.24
C VAL A 143 5.59 -17.41 6.81
N PHE A 144 5.94 -18.43 6.05
CA PHE A 144 6.50 -19.63 6.62
C PHE A 144 7.97 -19.91 6.37
N VAL A 145 8.72 -20.03 7.49
CA VAL A 145 10.18 -20.29 7.57
C VAL A 145 10.44 -21.69 8.17
N SER A 146 11.35 -22.50 7.62
CA SER A 146 11.52 -23.90 8.10
C SER A 146 11.79 -23.99 9.60
N PRO A 147 11.26 -25.03 10.25
CA PRO A 147 11.64 -25.42 11.62
C PRO A 147 13.14 -25.37 11.84
N LYS A 148 13.89 -26.13 11.04
CA LYS A 148 15.36 -26.23 11.24
C LYS A 148 16.03 -24.88 11.54
N ASP A 149 15.39 -23.78 11.11
CA ASP A 149 16.04 -22.49 11.03
C ASP A 149 15.85 -21.56 12.18
N PHE A 150 14.97 -21.86 13.12
CA PHE A 150 14.68 -20.91 14.19
C PHE A 150 15.93 -20.77 15.09
N LYS A 151 15.96 -19.78 15.96
CA LYS A 151 17.10 -19.69 16.85
C LYS A 151 16.50 -19.96 18.20
N ASN A 152 16.73 -21.17 18.71
CA ASN A 152 16.18 -21.63 19.97
C ASN A 152 14.68 -21.45 19.95
N GLY A 153 14.04 -21.94 18.90
CA GLY A 153 12.59 -21.85 18.75
C GLY A 153 11.99 -20.46 18.65
N THR A 154 12.77 -19.50 18.19
CA THR A 154 12.28 -18.14 18.04
C THR A 154 12.59 -17.60 16.66
N THR A 155 11.97 -16.49 16.28
CA THR A 155 12.33 -15.91 14.95
C THR A 155 12.72 -14.48 15.06
N LYS A 156 11.81 -13.63 15.54
CA LYS A 156 12.19 -12.28 15.92
C LYS A 156 13.48 -12.46 16.60
N ASP A 157 14.33 -11.44 16.59
CA ASP A 157 15.72 -11.55 17.04
C ASP A 157 16.54 -12.04 15.82
N GLY A 158 16.22 -13.23 15.30
CA GLY A 158 16.83 -13.67 14.03
C GLY A 158 16.54 -15.10 13.65
N VAL A 159 17.05 -15.54 12.50
CA VAL A 159 16.83 -16.90 12.02
C VAL A 159 18.03 -17.38 11.20
N LYS A 160 18.31 -18.68 11.23
CA LYS A 160 19.61 -19.25 10.83
C LYS A 160 19.86 -19.07 9.35
N LYS A 161 18.98 -19.64 8.53
CA LYS A 161 18.98 -19.49 7.07
C LYS A 161 17.55 -19.16 6.66
N PHE A 162 17.39 -18.82 5.39
CA PHE A 162 16.13 -18.32 4.86
C PHE A 162 15.49 -19.35 3.95
N ASP A 163 14.96 -20.40 4.54
CA ASP A 163 14.35 -21.47 3.78
C ASP A 163 12.86 -21.25 3.95
N GLY A 164 12.17 -21.00 2.83
CA GLY A 164 10.71 -20.99 2.77
C GLY A 164 10.09 -21.93 1.74
N THR A 165 8.86 -21.63 1.40
CA THR A 165 8.03 -22.50 0.62
C THR A 165 8.00 -22.16 -0.86
N GLY A 166 8.46 -20.95 -1.19
CA GLY A 166 8.15 -20.31 -2.47
C GLY A 166 8.76 -20.85 -3.77
N PRO A 167 8.42 -20.22 -4.91
CA PRO A 167 8.92 -20.67 -6.19
C PRO A 167 10.34 -20.32 -6.46
N PHE A 168 10.93 -19.45 -5.64
CA PHE A 168 12.32 -19.09 -5.79
C PHE A 168 13.05 -19.34 -4.50
N LYS A 169 14.28 -19.85 -4.62
CA LYS A 169 15.26 -20.05 -3.55
C LYS A 169 16.23 -18.87 -3.55
N LEU A 170 16.68 -18.48 -2.38
CA LEU A 170 17.59 -17.37 -2.25
C LEU A 170 19.02 -17.86 -2.37
N GLY A 171 19.80 -17.18 -3.21
CA GLY A 171 21.21 -17.50 -3.48
C GLY A 171 22.16 -16.47 -2.91
N GLU A 172 23.11 -16.03 -3.73
CA GLU A 172 24.17 -15.21 -3.19
C GLU A 172 23.51 -13.94 -2.85
N HIS A 173 23.96 -13.33 -1.78
CA HIS A 173 23.53 -12.03 -1.37
C HIS A 173 24.85 -11.26 -1.20
N LYS A 174 25.08 -10.25 -2.03
CA LYS A 174 26.17 -9.28 -1.83
C LYS A 174 25.59 -7.98 -1.28
N LYS A 175 25.81 -7.76 0.02
CA LYS A 175 25.20 -6.67 0.72
C LYS A 175 25.57 -5.39 -0.03
N ASP A 176 24.51 -4.69 -0.44
CA ASP A 176 24.50 -3.46 -1.27
C ASP A 176 24.97 -3.64 -2.69
N GLU A 177 24.95 -4.84 -3.23
CA GLU A 177 25.40 -5.02 -4.61
C GLU A 177 24.39 -5.76 -5.49
N SER A 178 23.92 -6.92 -5.03
CA SER A 178 23.26 -7.88 -5.86
C SER A 178 22.60 -8.91 -4.97
N ALA A 179 21.51 -9.52 -5.43
CA ALA A 179 20.82 -10.64 -4.70
C ALA A 179 20.15 -11.57 -5.73
N ASP A 180 20.43 -12.88 -5.65
CA ASP A 180 20.06 -13.86 -6.70
C ASP A 180 18.89 -14.69 -6.16
N PHE A 181 17.83 -14.79 -6.95
CA PHE A 181 16.71 -15.60 -6.57
C PHE A 181 16.57 -16.68 -7.60
N ASN A 182 16.75 -17.91 -7.16
CA ASN A 182 17.04 -18.98 -8.07
C ASN A 182 15.85 -19.87 -8.07
N LYS A 183 15.42 -20.25 -9.29
CA LYS A 183 14.24 -21.11 -9.54
C LYS A 183 14.23 -22.28 -8.56
N ASN A 184 13.08 -22.49 -7.92
CA ASN A 184 12.94 -23.63 -7.06
C ASN A 184 12.40 -24.77 -7.88
N ASP A 185 13.15 -25.88 -7.92
CA ASP A 185 12.83 -27.10 -8.70
C ASP A 185 11.94 -28.04 -7.89
N GLN A 186 12.04 -28.02 -6.57
CA GLN A 186 11.08 -28.70 -5.73
C GLN A 186 9.90 -27.78 -5.32
N TYR A 187 9.65 -26.73 -6.11
CA TYR A 187 8.45 -25.97 -5.93
C TYR A 187 7.30 -26.90 -6.23
N TRP A 188 6.32 -26.88 -5.34
CA TRP A 188 5.05 -27.57 -5.54
C TRP A 188 4.18 -27.06 -6.70
N GLY A 189 3.85 -25.77 -6.71
CA GLY A 189 2.81 -25.24 -7.61
C GLY A 189 3.26 -24.87 -9.02
N GLU A 190 2.69 -23.77 -9.53
CA GLU A 190 3.17 -23.15 -10.74
C GLU A 190 4.67 -22.82 -10.66
N LYS A 191 5.50 -23.75 -11.10
CA LYS A 191 6.95 -23.51 -11.11
C LYS A 191 7.40 -22.32 -11.95
N SER A 192 8.49 -21.68 -11.50
CA SER A 192 9.04 -20.56 -12.28
C SER A 192 9.40 -20.96 -13.68
N LYS A 193 9.35 -20.01 -14.61
CA LYS A 193 9.85 -20.19 -15.97
C LYS A 193 11.12 -19.45 -16.22
N LEU A 194 11.39 -18.42 -15.46
CA LEU A 194 12.71 -17.85 -15.50
C LEU A 194 13.56 -18.71 -14.59
N ASN A 195 14.81 -18.86 -14.96
CA ASN A 195 15.75 -19.52 -14.10
C ASN A 195 16.16 -18.65 -12.93
N LYS A 196 16.41 -17.37 -13.21
CA LYS A 196 16.93 -16.49 -12.21
C LYS A 196 16.30 -15.09 -12.27
N VAL A 197 16.13 -14.50 -11.09
CA VAL A 197 15.78 -13.07 -10.94
C VAL A 197 16.84 -12.47 -10.02
N GLN A 198 17.42 -11.37 -10.43
CA GLN A 198 18.57 -10.84 -9.79
C GLN A 198 18.25 -9.41 -9.52
N ALA A 199 18.47 -8.98 -8.28
CA ALA A 199 18.41 -7.59 -7.94
C ALA A 199 19.82 -7.05 -8.03
N LYS A 200 19.94 -5.84 -8.56
CA LYS A 200 21.22 -5.27 -8.82
C LYS A 200 21.05 -3.86 -8.31
N VAL A 201 21.76 -3.55 -7.23
CA VAL A 201 21.62 -2.32 -6.50
C VAL A 201 22.28 -1.16 -7.23
N MET A 202 21.53 -0.10 -7.55
CA MET A 202 22.15 1.12 -8.09
C MET A 202 21.20 2.29 -8.06
N PRO A 203 21.79 3.49 -8.21
CA PRO A 203 20.95 4.68 -7.99
C PRO A 203 19.93 4.92 -9.04
N ALA A 204 18.82 5.53 -8.65
CA ALA A 204 17.82 5.94 -9.64
C ALA A 204 18.48 6.88 -10.64
N GLY A 205 17.69 7.30 -11.61
CA GLY A 205 18.21 8.16 -12.68
C GLY A 205 19.22 7.59 -13.69
N GLU A 206 20.27 8.35 -13.92
CA GLU A 206 21.09 8.11 -15.08
C GLU A 206 21.78 6.76 -15.02
N THR A 207 22.29 6.37 -13.85
CA THR A 207 23.05 5.13 -13.81
C THR A 207 22.10 3.95 -14.06
N ALA A 208 20.82 4.12 -13.77
CA ALA A 208 19.87 3.03 -13.94
C ALA A 208 19.43 3.02 -15.37
N PHE A 209 19.19 4.21 -15.91
CA PHE A 209 18.89 4.28 -17.33
C PHE A 209 19.96 3.69 -18.25
N LEU A 210 21.22 3.91 -17.90
CA LEU A 210 22.30 3.31 -18.63
C LEU A 210 22.33 1.79 -18.48
N SER A 211 22.17 1.27 -17.25
CA SER A 211 22.27 -0.14 -17.03
C SER A 211 21.25 -0.89 -17.88
N MET A 212 20.08 -0.30 -17.89
CA MET A 212 18.93 -0.83 -18.58
C MET A 212 19.15 -0.81 -20.05
N LYS A 213 19.58 0.33 -20.52
CA LYS A 213 19.90 0.55 -21.94
C LYS A 213 20.83 -0.54 -22.47
N LYS A 214 21.78 -1.02 -21.69
CA LYS A 214 22.83 -1.92 -22.16
C LYS A 214 22.59 -3.33 -21.80
N GLY A 215 21.45 -3.56 -21.15
CA GLY A 215 21.08 -4.88 -20.74
C GLY A 215 21.83 -5.41 -19.54
N GLU A 216 22.62 -4.56 -18.85
CA GLU A 216 23.22 -4.90 -17.53
C GLU A 216 22.12 -5.17 -16.49
N THR A 217 21.15 -4.27 -16.45
CA THR A 217 19.79 -4.63 -16.02
C THR A 217 18.87 -4.79 -17.23
N ASN A 218 17.81 -5.56 -17.06
CA ASN A 218 16.72 -5.60 -18.04
C ASN A 218 15.29 -5.50 -17.44
N PHE A 219 15.15 -5.30 -16.14
CA PHE A 219 13.82 -5.15 -15.50
C PHE A 219 13.75 -3.99 -14.49
N ALA A 220 12.60 -3.37 -14.40
CA ALA A 220 12.42 -2.33 -13.39
C ALA A 220 10.96 -2.26 -12.89
N PHE A 221 10.76 -2.28 -11.60
CA PHE A 221 9.43 -2.05 -11.06
C PHE A 221 9.52 -1.15 -9.83
N THR A 222 8.45 -0.40 -9.55
CA THR A 222 8.33 0.45 -8.37
C THR A 222 8.56 -0.34 -7.12
N ASP A 223 9.47 0.14 -6.26
CA ASP A 223 9.87 -0.65 -5.07
C ASP A 223 8.94 -0.43 -3.92
N ASP A 224 9.24 -1.07 -2.80
CA ASP A 224 8.37 -0.97 -1.66
C ASP A 224 8.34 0.38 -1.00
N ARG A 225 8.92 1.43 -1.57
CA ARG A 225 8.76 2.75 -1.00
C ARG A 225 8.22 3.70 -1.97
N GLY A 226 7.86 3.19 -3.17
CA GLY A 226 7.21 3.97 -4.21
C GLY A 226 8.24 4.56 -5.13
N THR A 227 9.48 4.26 -4.85
CA THR A 227 10.58 4.74 -5.60
C THR A 227 10.63 4.06 -6.94
N ASP A 228 10.77 4.85 -7.98
CA ASP A 228 10.85 4.36 -9.34
C ASP A 228 12.20 4.80 -9.82
N SER A 229 13.02 3.87 -10.28
CA SER A 229 14.40 4.19 -10.73
C SER A 229 14.53 5.09 -12.08
N LEU A 230 13.55 5.04 -12.97
CA LEU A 230 13.62 5.80 -14.22
C LEU A 230 12.56 6.84 -14.28
N ASP A 231 12.91 8.06 -14.65
CA ASP A 231 11.88 9.10 -14.83
C ASP A 231 11.15 9.03 -16.19
N LYS A 232 10.12 9.88 -16.31
CA LYS A 232 9.22 9.94 -17.47
C LYS A 232 9.93 9.92 -18.80
N ASP A 233 10.86 10.85 -18.96
CA ASP A 233 11.58 10.91 -20.23
C ASP A 233 12.39 9.61 -20.41
N SER A 234 13.14 9.19 -19.37
CA SER A 234 14.00 8.01 -19.44
C SER A 234 13.24 6.76 -19.86
N LEU A 235 11.95 6.69 -19.51
CA LEU A 235 11.10 5.58 -19.93
C LEU A 235 10.80 5.58 -21.43
N LYS A 236 10.52 6.76 -21.95
CA LYS A 236 10.25 6.93 -23.37
C LYS A 236 11.48 6.50 -24.15
N GLN A 237 12.61 6.98 -23.74
CA GLN A 237 13.85 6.56 -24.34
C GLN A 237 14.06 5.03 -24.28
N LEU A 238 13.69 4.42 -23.17
CA LEU A 238 13.81 2.97 -23.10
C LEU A 238 12.92 2.29 -24.13
N LYS A 239 11.69 2.73 -24.10
CA LYS A 239 10.63 2.30 -25.00
C LYS A 239 11.09 2.52 -26.42
N ASP A 240 11.66 3.71 -26.63
CA ASP A 240 12.18 4.16 -27.91
C ASP A 240 13.24 3.30 -28.48
N THR A 241 14.05 2.64 -27.67
CA THR A 241 15.11 1.74 -28.18
C THR A 241 14.51 0.50 -28.83
N GLY A 242 13.29 0.16 -28.46
CA GLY A 242 12.64 -0.99 -29.05
C GLY A 242 12.99 -2.30 -28.39
N ASP A 243 13.82 -2.27 -27.34
CA ASP A 243 14.02 -3.42 -26.47
C ASP A 243 13.12 -3.44 -25.23
N TYR A 244 12.38 -2.36 -24.96
CA TYR A 244 11.57 -2.32 -23.77
C TYR A 244 10.08 -2.07 -24.04
N GLN A 245 9.26 -2.70 -23.20
CA GLN A 245 7.87 -2.28 -22.95
C GLN A 245 7.70 -1.76 -21.50
N VAL A 246 6.86 -0.74 -21.35
CA VAL A 246 6.48 -0.16 -20.07
C VAL A 246 5.01 -0.39 -19.67
N LYS A 247 4.76 -1.05 -18.54
CA LYS A 247 3.36 -1.35 -18.06
C LYS A 247 3.01 -0.57 -16.85
N ARG A 248 1.76 -0.18 -16.75
CA ARG A 248 1.27 0.38 -15.53
C ARG A 248 0.00 -0.28 -15.00
N SER A 249 -0.02 -0.43 -13.68
CA SER A 249 -0.98 -1.22 -12.95
C SER A 249 -2.23 -0.41 -12.78
N GLN A 250 -3.27 -1.03 -12.22
CA GLN A 250 -4.41 -0.28 -11.76
C GLN A 250 -3.91 0.63 -10.61
N PRO A 251 -4.79 1.54 -10.10
CA PRO A 251 -4.48 2.36 -8.92
C PRO A 251 -3.99 1.49 -7.81
N MET A 252 -2.93 1.94 -7.16
CA MET A 252 -2.42 1.29 -5.99
C MET A 252 -2.68 2.10 -4.74
N ASN A 253 -3.32 3.27 -4.82
CA ASN A 253 -3.61 4.10 -3.64
C ASN A 253 -4.26 5.43 -4.00
N THR A 254 -4.43 6.34 -3.05
CA THR A 254 -5.07 7.61 -3.35
C THR A 254 -4.25 8.70 -2.73
N LYS A 255 -3.60 9.49 -3.54
CA LYS A 255 -2.91 10.65 -3.03
C LYS A 255 -4.02 11.65 -2.81
N MET A 256 -3.93 12.37 -1.69
CA MET A 256 -5.02 13.23 -1.17
C MET A 256 -4.54 14.35 -0.22
N LEU A 257 -5.36 15.40 -0.18
CA LEU A 257 -5.18 16.47 0.78
C LEU A 257 -5.99 16.06 2.01
N VAL A 258 -5.37 16.14 3.19
CA VAL A 258 -6.04 15.85 4.46
C VAL A 258 -6.36 17.18 5.08
N VAL A 259 -7.56 17.30 5.60
CA VAL A 259 -8.09 18.57 6.03
C VAL A 259 -8.51 18.35 7.45
N ASN A 260 -8.12 19.27 8.36
CA ASN A 260 -8.27 19.09 9.85
C ASN A 260 -9.54 19.68 10.60
N SER A 261 -10.63 18.91 10.54
CA SER A 261 -11.78 19.19 11.37
C SER A 261 -11.37 19.52 12.83
N GLY A 262 -10.30 18.85 13.31
CA GLY A 262 -9.85 18.86 14.71
C GLY A 262 -9.36 20.17 15.34
N LYS A 263 -8.82 21.05 14.50
CA LYS A 263 -8.18 22.24 14.98
C LYS A 263 -9.15 23.43 14.96
N LYS A 264 -9.69 23.78 16.15
CA LYS A 264 -10.68 24.86 16.29
C LYS A 264 -10.09 26.26 16.05
N ASP A 265 -8.78 26.39 16.23
CA ASP A 265 -8.02 27.63 15.92
C ASP A 265 -8.26 28.19 14.53
N ASN A 266 -8.53 27.30 13.58
CA ASN A 266 -8.58 27.66 12.20
C ASN A 266 -9.94 27.36 11.63
N ALA A 267 -10.24 28.04 10.53
CA ALA A 267 -11.46 27.87 9.74
C ALA A 267 -11.67 26.43 9.26
N VAL A 268 -10.55 25.80 8.99
CA VAL A 268 -10.47 24.37 8.75
C VAL A 268 -11.28 23.47 9.74
N SER A 269 -11.57 23.93 10.96
CA SER A 269 -12.59 23.25 11.81
C SER A 269 -14.01 23.38 11.27
N ASP A 270 -14.30 24.45 10.53
CA ASP A 270 -15.67 24.75 10.03
C ASP A 270 -16.03 23.94 8.76
N LYS A 271 -17.11 23.16 8.84
CA LYS A 271 -17.50 22.23 7.77
C LYS A 271 -17.74 23.01 6.48
N THR A 272 -18.35 24.19 6.57
CA THR A 272 -18.68 24.97 5.37
C THR A 272 -17.46 25.25 4.51
N VAL A 273 -16.34 25.61 5.15
CA VAL A 273 -15.10 25.88 4.40
C VAL A 273 -14.47 24.60 3.84
N ARG A 274 -14.50 23.51 4.60
CA ARG A 274 -13.98 22.21 4.15
C ARG A 274 -14.56 21.72 2.83
N GLN A 275 -15.81 22.09 2.63
CA GLN A 275 -16.51 21.76 1.43
C GLN A 275 -16.28 22.82 0.43
N ALA A 276 -16.08 24.04 0.90
CA ALA A 276 -15.69 25.10 -0.01
C ALA A 276 -14.40 24.73 -0.72
N ILE A 277 -13.45 24.19 0.04
CA ILE A 277 -12.14 23.86 -0.52
C ILE A 277 -12.24 22.54 -1.30
N GLY A 278 -13.08 21.60 -0.86
CA GLY A 278 -13.42 20.42 -1.67
C GLY A 278 -13.72 20.68 -3.16
N HIS A 279 -14.13 21.91 -3.50
CA HIS A 279 -14.38 22.32 -4.89
C HIS A 279 -13.25 23.12 -5.53
N MET A 280 -12.16 23.35 -4.80
CA MET A 280 -11.08 24.20 -5.30
C MET A 280 -9.84 23.41 -5.75
N VAL A 281 -9.87 22.09 -5.79
CA VAL A 281 -8.65 21.41 -6.26
C VAL A 281 -8.79 20.81 -7.66
N ASN A 282 -8.27 21.46 -8.69
CA ASN A 282 -8.55 20.97 -10.03
C ASN A 282 -7.83 19.62 -10.36
N ARG A 283 -8.48 18.54 -9.94
CA ARG A 283 -8.01 17.16 -10.11
C ARG A 283 -7.45 16.97 -11.47
N ASP A 284 -8.27 17.29 -12.45
CA ASP A 284 -7.98 16.99 -13.84
C ASP A 284 -6.80 17.82 -14.32
N LYS A 285 -6.81 19.12 -14.09
CA LYS A 285 -5.68 19.92 -14.54
C LYS A 285 -4.38 19.46 -13.86
N ILE A 286 -4.43 19.30 -12.55
CA ILE A 286 -3.28 18.79 -11.80
C ILE A 286 -2.83 17.47 -12.36
N ALA A 287 -3.77 16.55 -12.51
CA ALA A 287 -3.41 15.22 -12.97
C ALA A 287 -2.70 15.22 -14.31
N LYS A 288 -3.16 16.05 -15.27
CA LYS A 288 -2.54 16.05 -16.60
C LYS A 288 -1.32 16.93 -16.52
N GLU A 289 -1.45 18.13 -15.98
CA GLU A 289 -0.45 19.13 -16.31
C GLU A 289 0.70 19.27 -15.34
N ILE A 290 0.56 18.64 -14.18
CA ILE A 290 1.60 18.57 -13.15
C ILE A 290 2.17 17.13 -13.14
N LEU A 291 1.31 16.11 -13.11
CA LEU A 291 1.76 14.74 -12.98
C LEU A 291 1.93 14.06 -14.33
N ASP A 292 1.57 14.81 -15.40
CA ASP A 292 1.85 14.50 -16.83
C ASP A 292 1.25 13.18 -17.28
N GLY A 293 -0.04 12.99 -17.02
CA GLY A 293 -0.73 11.76 -17.40
C GLY A 293 -0.28 10.46 -16.74
N GLN A 294 0.67 10.57 -15.82
CA GLN A 294 1.36 9.40 -15.34
C GLN A 294 0.50 8.73 -14.26
N GLU A 295 -0.36 9.51 -13.63
CA GLU A 295 -1.35 9.03 -12.65
C GLU A 295 -2.73 9.47 -13.10
N LYS A 296 -3.74 8.67 -12.78
CA LYS A 296 -5.10 9.09 -13.13
C LYS A 296 -5.64 9.97 -12.01
N PRO A 297 -6.61 10.87 -12.32
CA PRO A 297 -7.14 11.69 -11.25
C PRO A 297 -8.11 10.85 -10.47
N ALA A 298 -8.27 11.18 -9.19
CA ALA A 298 -8.99 10.34 -8.22
C ALA A 298 -10.18 11.12 -7.72
N THR A 299 -11.38 10.59 -7.98
CA THR A 299 -12.64 11.25 -7.67
C THR A 299 -13.31 10.71 -6.41
N GLN A 300 -12.70 9.75 -5.75
CA GLN A 300 -13.17 9.26 -4.48
C GLN A 300 -12.01 8.59 -3.75
N LEU A 301 -12.24 8.12 -2.53
CA LEU A 301 -11.12 7.78 -1.64
C LEU A 301 -10.47 6.40 -1.99
N PHE A 302 -11.27 5.39 -2.27
CA PHE A 302 -10.78 4.07 -2.66
C PHE A 302 -11.38 3.80 -3.99
N ALA A 303 -10.52 3.59 -4.97
CA ALA A 303 -10.93 3.27 -6.35
C ALA A 303 -11.54 1.85 -6.38
N LYS A 304 -12.27 1.56 -7.47
CA LYS A 304 -13.20 0.46 -7.50
C LYS A 304 -12.55 -0.90 -7.57
N ASN A 305 -11.24 -0.91 -7.68
CA ASN A 305 -10.44 -2.14 -7.54
C ASN A 305 -9.96 -2.48 -6.11
N VAL A 306 -10.27 -1.63 -5.16
CA VAL A 306 -9.97 -1.89 -3.79
C VAL A 306 -11.02 -2.87 -3.27
N THR A 307 -10.56 -3.83 -2.49
CA THR A 307 -11.46 -4.78 -1.91
C THR A 307 -12.75 -4.12 -1.33
N ASP A 308 -13.87 -4.77 -1.54
CA ASP A 308 -15.19 -4.38 -1.08
C ASP A 308 -15.68 -3.01 -1.46
N ILE A 309 -14.94 -2.29 -2.27
CA ILE A 309 -15.44 -1.02 -2.73
C ILE A 309 -16.16 -1.18 -4.02
N ASN A 310 -17.47 -1.42 -3.93
CA ASN A 310 -18.28 -1.66 -5.16
C ASN A 310 -19.21 -0.51 -5.39
N PHE A 311 -18.69 0.70 -5.57
CA PHE A 311 -19.54 1.88 -5.71
C PHE A 311 -18.84 3.12 -6.27
N ASP A 312 -19.57 3.93 -7.03
CA ASP A 312 -19.12 5.26 -7.40
C ASP A 312 -19.59 6.17 -6.32
N MET A 313 -18.83 7.22 -6.07
CA MET A 313 -19.12 8.18 -5.03
C MET A 313 -18.30 9.42 -5.38
N PRO A 314 -18.72 10.08 -6.47
CA PRO A 314 -17.94 11.18 -6.96
C PRO A 314 -17.93 12.24 -5.91
N THR A 315 -16.79 12.46 -5.31
CA THR A 315 -16.60 13.63 -4.45
C THR A 315 -16.72 14.96 -5.23
N ARG A 316 -16.58 16.08 -4.52
CA ARG A 316 -17.00 17.36 -5.08
C ARG A 316 -16.17 17.74 -6.31
N LYS A 317 -16.85 18.21 -7.36
CA LYS A 317 -16.19 18.58 -8.60
C LYS A 317 -15.53 19.96 -8.46
N TYR A 318 -14.52 20.22 -9.29
CA TYR A 318 -13.87 21.51 -9.29
C TYR A 318 -14.86 22.53 -9.83
N ASP A 319 -15.26 23.48 -8.98
CA ASP A 319 -16.19 24.52 -9.39
C ASP A 319 -16.07 25.65 -8.37
N LEU A 320 -15.57 26.82 -8.82
CA LEU A 320 -15.29 27.95 -7.89
C LEU A 320 -16.49 28.83 -7.49
N LYS A 321 -17.62 28.67 -8.18
CA LYS A 321 -18.81 29.50 -7.94
C LYS A 321 -19.66 28.87 -6.87
N LYS A 322 -19.69 27.53 -6.87
CA LYS A 322 -20.16 26.79 -5.72
C LYS A 322 -19.25 27.04 -4.52
N ALA A 323 -17.94 26.98 -4.71
CA ALA A 323 -17.01 27.22 -3.60
C ALA A 323 -17.14 28.62 -3.04
N GLU A 324 -17.36 29.60 -3.90
CA GLU A 324 -17.39 31.00 -3.46
C GLU A 324 -18.63 31.35 -2.65
N SER A 325 -19.76 30.71 -2.95
CA SER A 325 -20.92 30.90 -2.12
C SER A 325 -20.63 30.31 -0.73
N LEU A 326 -20.17 29.06 -0.69
CA LEU A 326 -19.92 28.40 0.58
C LEU A 326 -19.04 29.26 1.49
N LEU A 327 -18.01 29.87 0.92
CA LEU A 327 -17.11 30.74 1.69
C LEU A 327 -17.79 32.00 2.28
N ASP A 328 -18.70 32.62 1.54
CA ASP A 328 -19.46 33.77 2.05
C ASP A 328 -20.41 33.19 3.12
N GLU A 329 -21.18 32.17 2.74
CA GLU A 329 -21.98 31.36 3.67
C GLU A 329 -21.30 30.84 4.97
N ALA A 330 -19.99 30.96 5.13
CA ALA A 330 -19.34 30.67 6.44
C ALA A 330 -18.77 31.93 7.08
N GLY A 331 -18.87 33.08 6.42
CA GLY A 331 -18.45 34.36 6.99
C GLY A 331 -17.43 35.12 6.17
N TRP A 332 -16.60 34.43 5.41
CA TRP A 332 -15.36 35.03 4.91
C TRP A 332 -15.66 35.83 3.62
N LYS A 333 -15.71 37.17 3.73
CA LYS A 333 -16.05 38.07 2.62
C LYS A 333 -14.88 39.00 2.31
N ASP A 337 -13.80 45.73 -1.74
CA ASP A 337 -12.60 46.57 -1.75
C ASP A 337 -11.55 46.09 -2.79
N SER A 338 -11.13 44.84 -2.67
CA SER A 338 -10.38 44.11 -3.73
C SER A 338 -10.43 42.59 -3.45
N ASP A 339 -9.88 41.77 -4.35
CA ASP A 339 -9.97 40.30 -4.24
C ASP A 339 -9.13 39.69 -3.10
N VAL A 340 -9.79 39.50 -1.95
CA VAL A 340 -9.25 38.88 -0.71
C VAL A 340 -10.42 38.58 0.28
N ARG A 341 -10.27 37.61 1.18
CA ARG A 341 -11.33 37.24 2.15
C ARG A 341 -11.10 37.87 3.51
N GLN A 342 -12.15 37.83 4.34
CA GLN A 342 -12.14 38.50 5.62
C GLN A 342 -13.35 38.11 6.44
N LYS A 343 -13.12 37.69 7.68
CA LYS A 343 -14.20 37.49 8.65
C LYS A 343 -13.73 38.00 10.01
N ASP A 344 -14.55 38.83 10.66
CA ASP A 344 -14.23 39.44 11.97
C ASP A 344 -12.83 40.06 11.97
N GLY A 345 -12.46 40.75 10.90
CA GLY A 345 -11.11 41.34 10.80
C GLY A 345 -9.98 40.38 10.40
N LYS A 346 -9.87 39.22 11.06
CA LYS A 346 -8.79 38.26 10.75
C LYS A 346 -8.97 37.87 9.27
N ASN A 347 -7.90 38.03 8.47
CA ASN A 347 -7.92 37.59 7.06
C ASN A 347 -7.85 36.06 7.00
N LEU A 348 -8.29 35.47 5.90
CA LEU A 348 -8.41 34.02 5.84
C LEU A 348 -7.07 33.35 5.43
N GLU A 349 -6.35 32.72 6.38
CA GLU A 349 -5.07 31.98 6.06
C GLU A 349 -5.07 30.52 6.48
N MET A 350 -4.31 29.69 5.76
CA MET A 350 -4.15 28.24 6.06
C MET A 350 -2.69 27.78 5.92
N ALA A 351 -2.30 26.84 6.77
CA ALA A 351 -0.95 26.30 6.79
C ALA A 351 -0.90 24.90 6.21
N MET A 352 -0.43 24.81 4.98
CA MET A 352 -0.32 23.55 4.28
C MET A 352 1.08 22.97 4.45
N TYR A 353 1.17 21.67 4.69
CA TYR A 353 2.46 21.00 4.79
C TYR A 353 2.52 19.88 3.80
N TYR A 354 3.73 19.51 3.39
CA TYR A 354 3.92 18.48 2.37
C TYR A 354 5.33 17.83 2.52
N ASP A 355 5.61 16.70 1.83
CA ASP A 355 6.93 16.07 1.93
C ASP A 355 7.81 16.62 0.82
N LYS A 356 8.93 17.22 1.22
CA LYS A 356 9.80 17.94 0.30
C LYS A 356 10.62 17.02 -0.59
N GLY A 357 10.76 15.78 -0.14
CA GLY A 357 11.42 14.74 -0.91
C GLY A 357 10.65 14.18 -2.10
N SER A 358 9.55 14.84 -2.50
CA SER A 358 8.84 14.54 -3.75
C SER A 358 8.45 15.85 -4.47
N SER A 359 8.89 15.99 -5.70
CA SER A 359 8.76 17.26 -6.35
C SER A 359 7.31 17.45 -6.62
N SER A 360 6.64 16.41 -7.16
CA SER A 360 5.19 16.45 -7.49
C SER A 360 4.35 17.05 -6.36
N GLN A 361 4.63 16.68 -5.12
CA GLN A 361 3.95 17.30 -3.99
C GLN A 361 4.22 18.81 -3.86
N LYS A 362 5.46 19.26 -4.09
CA LYS A 362 5.74 20.72 -4.11
C LYS A 362 5.03 21.44 -5.26
N GLU A 363 5.04 20.83 -6.43
CA GLU A 363 4.46 21.46 -7.60
C GLU A 363 2.99 21.68 -7.41
N GLN A 364 2.32 20.65 -6.90
CA GLN A 364 0.89 20.77 -6.65
C GLN A 364 0.62 21.59 -5.39
N ALA A 365 1.47 21.48 -4.39
CA ALA A 365 1.41 22.40 -3.26
C ALA A 365 1.37 23.84 -3.74
N GLU A 366 2.24 24.18 -4.71
CA GLU A 366 2.39 25.59 -5.11
C GLU A 366 1.26 25.99 -6.05
N TYR A 367 0.84 25.04 -6.89
CA TYR A 367 -0.27 25.28 -7.80
C TYR A 367 -1.53 25.71 -7.05
N LEU A 368 -1.77 25.08 -5.91
CA LEU A 368 -2.89 25.44 -5.03
C LEU A 368 -2.69 26.75 -4.29
N GLN A 369 -1.44 27.13 -4.01
CA GLN A 369 -1.21 28.43 -3.46
C GLN A 369 -1.73 29.48 -4.44
N ALA A 370 -1.50 29.24 -5.74
CA ALA A 370 -2.02 30.13 -6.80
C ALA A 370 -3.55 30.12 -6.86
N GLU A 371 -4.17 29.01 -7.27
CA GLU A 371 -5.63 28.86 -7.24
C GLU A 371 -6.27 29.64 -6.09
N PHE A 372 -5.73 29.43 -4.87
CA PHE A 372 -6.23 30.03 -3.59
C PHE A 372 -6.10 31.53 -3.49
N LYS A 373 -4.89 32.03 -3.77
CA LYS A 373 -4.66 33.48 -3.86
C LYS A 373 -5.77 34.13 -4.71
N LYS A 374 -5.93 33.72 -5.97
CA LYS A 374 -6.97 34.26 -6.89
C LYS A 374 -8.36 34.37 -6.21
N MET A 375 -8.64 33.45 -5.28
CA MET A 375 -9.90 33.36 -4.51
C MET A 375 -9.93 34.04 -3.11
N GLY A 376 -8.86 34.75 -2.76
CA GLY A 376 -8.78 35.52 -1.52
C GLY A 376 -8.12 34.88 -0.29
N ILE A 377 -7.91 33.56 -0.31
CA ILE A 377 -7.21 32.86 0.78
C ILE A 377 -5.71 32.92 0.56
N LYS A 378 -4.95 32.73 1.64
CA LYS A 378 -3.51 32.56 1.58
C LYS A 378 -3.00 31.32 2.30
N LEU A 379 -2.29 30.50 1.56
CA LEU A 379 -1.71 29.30 2.08
C LEU A 379 -0.26 29.55 2.39
N ASN A 380 0.21 28.98 3.49
CA ASN A 380 1.65 28.83 3.72
C ASN A 380 1.99 27.42 3.28
N ILE A 381 3.09 27.26 2.57
CA ILE A 381 3.43 26.01 1.94
C ILE A 381 4.78 25.61 2.50
N ASN A 382 4.78 24.62 3.41
CA ASN A 382 5.97 24.25 4.16
C ASN A 382 6.32 22.78 3.97
N GLY A 383 7.27 22.52 3.08
CA GLY A 383 7.82 21.17 2.80
C GLY A 383 8.77 20.62 3.86
N GLU A 384 8.53 19.37 4.30
CA GLU A 384 9.24 18.77 5.43
C GLU A 384 9.68 17.35 5.16
N THR A 385 10.42 16.80 6.11
CA THR A 385 10.99 15.48 6.02
C THR A 385 9.84 14.59 6.30
N SER A 386 9.74 13.48 5.56
CA SER A 386 8.61 12.57 5.70
C SER A 386 8.22 12.29 7.19
N ASP A 387 9.19 12.34 8.11
CA ASP A 387 8.99 12.00 9.53
C ASP A 387 8.30 13.07 10.31
N LYS A 388 8.60 14.31 9.98
CA LYS A 388 7.95 15.42 10.65
C LYS A 388 6.50 15.57 10.15
N ILE A 389 6.24 15.12 8.91
CA ILE A 389 4.85 14.99 8.40
C ILE A 389 4.09 13.89 9.17
N ALA A 390 4.71 12.74 9.29
CA ALA A 390 4.11 11.64 10.01
C ALA A 390 3.87 12.08 11.44
N GLU A 391 4.88 12.69 12.04
CA GLU A 391 4.74 13.14 13.41
C GLU A 391 3.80 14.31 13.49
N ARG A 392 3.71 15.07 12.42
CA ARG A 392 2.79 16.19 12.39
C ARG A 392 1.37 15.72 12.18
N ARG A 393 1.21 14.56 11.57
CA ARG A 393 -0.08 13.98 11.36
C ARG A 393 -0.66 13.68 12.72
N THR A 394 -0.02 12.75 13.42
CA THR A 394 -0.45 12.35 14.75
C THR A 394 -0.73 13.49 15.70
N SER A 395 0.14 14.48 15.75
CA SER A 395 -0.06 15.59 16.67
C SER A 395 -1.16 16.52 16.25
N GLY A 396 -1.71 16.33 15.08
CA GLY A 396 -2.81 17.21 14.66
C GLY A 396 -2.36 18.64 14.41
N ASP A 397 -1.07 18.79 14.15
CA ASP A 397 -0.48 20.10 14.01
C ASP A 397 -0.47 20.61 12.53
N TYR A 398 -1.64 20.87 11.95
CA TYR A 398 -1.75 21.27 10.53
C TYR A 398 -3.11 21.80 10.22
N ASP A 399 -3.22 22.51 9.11
CA ASP A 399 -4.50 22.85 8.52
C ASP A 399 -4.80 21.86 7.44
N LEU A 400 -3.87 21.79 6.49
CA LEU A 400 -3.93 20.91 5.32
C LEU A 400 -2.62 20.17 5.24
N MET A 401 -2.62 18.91 4.81
CA MET A 401 -1.37 18.23 4.45
C MET A 401 -1.59 17.08 3.50
N PHE A 402 -0.80 17.00 2.45
CA PHE A 402 -0.84 15.88 1.52
C PHE A 402 -0.63 14.54 2.20
N ASN A 403 -1.16 13.47 1.63
CA ASN A 403 -1.00 12.15 2.24
C ASN A 403 -1.57 11.02 1.33
N GLN A 404 -1.61 9.79 1.83
CA GLN A 404 -1.95 8.69 1.00
C GLN A 404 -2.72 7.68 1.77
N THR A 405 -3.42 6.82 1.03
CA THR A 405 -4.06 5.69 1.61
C THR A 405 -2.99 4.67 1.82
N TRP A 406 -3.24 3.68 2.60
CA TRP A 406 -2.25 2.68 2.83
C TRP A 406 -1.91 1.93 1.56
N GLY A 407 -2.86 1.75 0.66
CA GLY A 407 -2.66 1.03 -0.58
C GLY A 407 -3.41 -0.27 -0.69
N LEU A 408 -3.50 -0.72 -1.94
CA LEU A 408 -4.12 -2.00 -2.24
C LEU A 408 -3.88 -3.10 -1.20
N LEU A 409 -2.68 -3.29 -0.67
CA LEU A 409 -2.51 -4.47 0.16
C LEU A 409 -3.36 -4.41 1.40
N TYR A 410 -3.51 -3.21 1.91
CA TYR A 410 -4.06 -2.97 3.23
C TYR A 410 -5.47 -2.51 3.18
N ASP A 411 -5.97 -2.07 2.03
CA ASP A 411 -7.23 -1.30 2.01
C ASP A 411 -8.45 -2.17 1.73
N PRO A 412 -9.64 -1.68 2.11
CA PRO A 412 -9.83 -0.42 2.84
C PRO A 412 -9.66 -0.56 4.35
N GLN A 413 -9.59 -1.80 4.89
CA GLN A 413 -9.38 -1.99 6.33
C GLN A 413 -8.54 -0.91 6.97
N SER A 414 -7.31 -0.76 6.45
CA SER A 414 -6.27 -0.09 7.20
C SER A 414 -6.48 1.42 7.12
N THR A 415 -6.82 1.90 5.94
CA THR A 415 -7.07 3.31 5.79
C THR A 415 -8.36 3.75 6.45
N ILE A 416 -9.29 2.82 6.72
CA ILE A 416 -10.54 3.19 7.41
C ILE A 416 -10.27 3.20 8.94
N ALA A 417 -9.74 2.10 9.46
CA ALA A 417 -9.19 2.02 10.79
C ALA A 417 -8.38 3.29 11.07
N ALA A 418 -7.41 3.59 10.23
CA ALA A 418 -6.68 4.83 10.35
C ALA A 418 -7.54 6.10 10.60
N PHE A 419 -8.79 6.16 10.18
CA PHE A 419 -9.61 7.38 10.44
C PHE A 419 -9.73 7.74 11.93
N LYS A 420 -9.44 6.75 12.79
CA LYS A 420 -9.58 6.88 14.23
C LYS A 420 -8.43 6.21 14.99
N ALA A 421 -7.24 6.13 14.40
CA ALA A 421 -6.08 5.66 15.16
C ALA A 421 -5.23 6.87 15.44
N LYS A 422 -4.62 6.88 16.63
CA LYS A 422 -3.70 7.91 17.10
C LYS A 422 -2.82 8.44 15.95
N ASN A 423 -2.09 7.51 15.37
CA ASN A 423 -1.13 7.81 14.35
C ASN A 423 -1.63 7.58 12.89
N GLY A 424 -2.93 7.79 12.67
CA GLY A 424 -3.58 7.73 11.34
C GLY A 424 -4.11 9.14 11.12
N TYR A 425 -5.43 9.32 11.00
CA TYR A 425 -6.00 10.65 10.80
C TYR A 425 -6.99 10.91 11.88
N GLU A 426 -6.83 10.24 13.00
CA GLU A 426 -7.71 10.45 14.12
C GLU A 426 -7.80 11.94 14.42
N SER A 427 -6.72 12.65 14.17
CA SER A 427 -6.66 14.05 14.40
C SER A 427 -7.63 14.83 13.56
N ALA A 428 -7.83 14.42 12.32
CA ALA A 428 -8.71 15.16 11.43
C ALA A 428 -10.14 14.74 11.55
N THR A 429 -10.31 13.44 11.76
CA THR A 429 -11.62 12.87 11.90
C THR A 429 -12.33 13.52 13.06
N SER A 430 -11.63 13.58 14.19
CA SER A 430 -12.12 14.16 15.44
C SER A 430 -13.13 15.29 15.43
N GLY A 431 -12.77 16.40 14.86
CA GLY A 431 -13.63 17.55 14.92
C GLY A 431 -14.99 17.41 14.30
N ILE A 432 -15.51 16.20 14.14
CA ILE A 432 -16.86 16.04 13.58
C ILE A 432 -17.96 15.33 14.38
N GLU A 433 -19.13 16.02 14.38
CA GLU A 433 -20.49 15.48 14.62
C GLU A 433 -20.62 14.02 14.22
N ASN A 434 -21.06 13.21 15.16
CA ASN A 434 -21.20 11.78 14.99
C ASN A 434 -19.84 11.10 14.93
N LYS A 435 -18.78 11.79 15.33
CA LYS A 435 -17.52 11.12 15.50
C LYS A 435 -17.74 9.77 16.24
N ASP A 436 -18.56 9.73 17.30
CA ASP A 436 -18.63 8.50 18.17
C ASP A 436 -19.43 7.39 17.44
N LYS A 437 -20.44 7.83 16.72
CA LYS A 437 -21.23 6.95 15.88
C LYS A 437 -20.30 6.36 14.79
N ILE A 438 -19.57 7.26 14.11
CA ILE A 438 -18.79 6.91 12.91
C ILE A 438 -17.66 6.01 13.30
N TYR A 439 -17.03 6.32 14.44
CA TYR A 439 -15.93 5.52 15.00
C TYR A 439 -16.38 4.12 15.39
N ASN A 440 -17.67 3.96 15.64
CA ASN A 440 -18.19 2.64 15.95
C ASN A 440 -18.74 1.90 14.79
N SER A 441 -19.26 2.66 13.83
CA SER A 441 -19.67 2.08 12.58
C SER A 441 -18.45 1.33 12.03
N ILE A 442 -17.28 1.97 12.16
CA ILE A 442 -16.00 1.42 11.72
C ILE A 442 -15.56 0.15 12.47
N ASP A 443 -15.62 0.12 13.79
CA ASP A 443 -15.19 -1.10 14.49
C ASP A 443 -16.02 -2.29 14.07
N ASP A 444 -17.30 -1.98 13.83
CA ASP A 444 -18.35 -2.92 13.60
C ASP A 444 -18.43 -3.39 12.19
N ALA A 445 -18.25 -2.48 11.24
CA ALA A 445 -18.08 -2.84 9.80
C ALA A 445 -17.06 -3.98 9.58
N PHE A 446 -15.88 -3.92 10.18
CA PHE A 446 -14.88 -5.04 10.03
C PHE A 446 -15.32 -6.41 10.53
N LYS A 447 -16.41 -6.44 11.27
CA LYS A 447 -16.99 -7.69 11.81
C LYS A 447 -17.94 -8.34 10.76
N ILE A 448 -18.66 -7.49 10.01
CA ILE A 448 -19.76 -7.91 9.15
C ILE A 448 -19.25 -8.94 8.14
N GLN A 449 -19.67 -10.19 8.22
CA GLN A 449 -19.18 -11.21 7.29
C GLN A 449 -19.80 -11.12 5.91
N ASN A 450 -21.11 -10.92 5.85
CA ASN A 450 -21.77 -10.88 4.52
C ASN A 450 -21.17 -9.78 3.63
N GLY A 451 -20.55 -10.24 2.55
CA GLY A 451 -19.82 -9.38 1.68
C GLY A 451 -20.62 -8.16 1.29
N LYS A 452 -21.90 -8.33 1.00
CA LYS A 452 -22.72 -7.18 0.58
C LYS A 452 -23.07 -6.25 1.78
N GLU A 453 -23.22 -6.79 2.98
CA GLU A 453 -23.54 -5.91 4.10
C GLU A 453 -22.40 -4.91 4.35
N ARG A 454 -21.23 -5.48 4.64
CA ARG A 454 -19.94 -4.79 4.84
C ARG A 454 -19.68 -3.77 3.76
N SER A 455 -19.88 -4.14 2.52
CA SER A 455 -19.72 -3.23 1.37
C SER A 455 -20.57 -1.95 1.61
N ASP A 456 -21.83 -2.10 2.00
CA ASP A 456 -22.72 -0.94 2.23
C ASP A 456 -22.42 -0.21 3.51
N ALA A 457 -22.07 -0.99 4.55
CA ALA A 457 -21.45 -0.48 5.77
C ALA A 457 -20.41 0.61 5.44
N TYR A 458 -19.37 0.18 4.68
CA TYR A 458 -18.26 1.01 4.24
C TYR A 458 -18.78 2.18 3.45
N LYS A 459 -19.65 1.93 2.46
CA LYS A 459 -20.28 3.02 1.72
C LYS A 459 -20.84 4.10 2.68
N ASN A 460 -21.49 3.70 3.78
CA ASN A 460 -22.26 4.67 4.58
C ASN A 460 -21.30 5.53 5.39
N ILE A 461 -20.31 4.87 5.95
CA ILE A 461 -19.20 5.55 6.65
C ILE A 461 -18.55 6.63 5.80
N LEU A 462 -18.07 6.21 4.64
CA LEU A 462 -17.43 7.09 3.71
C LEU A 462 -18.35 8.17 3.17
N LYS A 463 -19.65 7.93 3.02
CA LYS A 463 -20.53 9.03 2.56
C LYS A 463 -20.48 10.18 3.55
N GLN A 464 -20.33 9.84 4.83
CA GLN A 464 -20.31 10.85 5.86
C GLN A 464 -18.99 11.54 5.78
N ILE A 465 -17.94 10.75 5.85
CA ILE A 465 -16.58 11.30 5.74
C ILE A 465 -16.36 12.06 4.46
N ASP A 466 -17.02 11.72 3.37
CA ASP A 466 -16.99 12.54 2.19
C ASP A 466 -17.84 13.77 2.46
N ASP A 467 -18.98 13.59 3.10
CA ASP A 467 -19.85 14.73 3.50
C ASP A 467 -18.99 15.81 4.17
N GLU A 468 -17.98 15.38 4.84
CA GLU A 468 -17.15 16.27 5.61
C GLU A 468 -16.04 17.02 4.93
N GLY A 469 -15.63 16.56 3.76
CA GLY A 469 -14.39 17.02 3.16
C GLY A 469 -13.21 16.91 4.12
N ILE A 470 -13.08 15.80 4.84
CA ILE A 470 -11.84 15.53 5.53
C ILE A 470 -10.75 15.26 4.49
N PHE A 471 -11.06 14.40 3.52
CA PHE A 471 -10.09 14.03 2.52
C PHE A 471 -10.54 14.46 1.14
N ILE A 472 -9.75 15.29 0.50
CA ILE A 472 -9.96 15.69 -0.89
C ILE A 472 -9.06 14.82 -1.83
N PRO A 473 -9.63 13.88 -2.60
CA PRO A 473 -8.78 13.06 -3.43
C PRO A 473 -8.31 13.82 -4.62
N ILE A 474 -7.11 13.44 -5.10
CA ILE A 474 -6.44 14.06 -6.24
C ILE A 474 -6.04 13.05 -7.33
N SER A 475 -5.26 12.03 -6.97
CA SER A 475 -4.71 11.12 -7.95
C SER A 475 -4.49 9.69 -7.47
N HIS A 476 -4.30 8.80 -8.44
CA HIS A 476 -4.10 7.40 -8.16
C HIS A 476 -2.72 6.98 -8.60
N GLY A 477 -1.88 6.70 -7.63
CA GLY A 477 -0.59 6.18 -7.87
C GLY A 477 -0.72 4.78 -8.39
N SER A 478 0.26 4.38 -9.22
CA SER A 478 0.29 3.08 -9.85
C SER A 478 1.66 2.62 -9.86
N MET A 479 1.80 1.30 -9.90
CA MET A 479 3.10 0.80 -10.07
C MET A 479 3.46 0.70 -11.57
N THR A 480 4.72 1.04 -11.89
CA THR A 480 5.23 1.10 -13.26
C THR A 480 6.29 0.02 -13.38
N VAL A 481 6.14 -0.83 -14.39
CA VAL A 481 7.08 -1.92 -14.67
C VAL A 481 7.73 -1.79 -16.03
N VAL A 482 9.03 -1.99 -16.10
CA VAL A 482 9.71 -1.97 -17.34
C VAL A 482 10.33 -3.30 -17.54
N ALA A 483 9.95 -3.87 -18.66
CA ALA A 483 10.31 -5.23 -18.98
C ALA A 483 10.76 -5.28 -20.41
N PRO A 484 11.48 -6.35 -20.74
CA PRO A 484 11.86 -6.52 -22.13
C PRO A 484 10.61 -6.62 -23.00
N LYS A 485 10.71 -6.18 -24.24
CA LYS A 485 9.60 -6.25 -25.19
C LYS A 485 9.07 -7.70 -25.32
N ASP A 486 9.97 -8.68 -25.35
CA ASP A 486 9.56 -10.05 -25.53
C ASP A 486 9.39 -10.87 -24.28
N LEU A 487 9.00 -10.22 -23.21
CA LEU A 487 8.71 -10.91 -21.98
C LEU A 487 7.23 -10.77 -21.82
N GLU A 488 6.55 -11.87 -21.63
CA GLU A 488 5.11 -11.87 -21.50
C GLU A 488 4.67 -12.43 -20.10
N LYS A 489 3.35 -12.44 -19.87
CA LYS A 489 2.78 -12.85 -18.59
C LYS A 489 3.18 -11.97 -17.36
N VAL A 490 3.43 -10.67 -17.60
CA VAL A 490 3.61 -9.72 -16.48
C VAL A 490 2.32 -9.01 -16.10
N SER A 491 1.82 -9.38 -14.93
CA SER A 491 0.56 -8.95 -14.35
C SER A 491 0.83 -8.31 -13.03
N PHE A 492 -0.17 -7.59 -12.57
CA PHE A 492 -0.21 -7.06 -11.22
C PHE A 492 -1.20 -7.85 -10.39
N THR A 493 -1.08 -7.70 -9.08
CA THR A 493 -1.90 -8.40 -8.09
C THR A 493 -2.52 -7.38 -7.09
N GLN A 494 -2.92 -7.80 -5.89
CA GLN A 494 -3.50 -6.85 -4.90
C GLN A 494 -2.41 -6.43 -3.96
N SER A 495 -1.54 -5.62 -4.50
CA SER A 495 -0.29 -5.33 -3.83
C SER A 495 0.50 -4.43 -4.72
N GLN A 496 1.17 -3.48 -4.09
CA GLN A 496 2.08 -2.55 -4.69
C GLN A 496 3.49 -3.04 -4.43
N TYR A 497 3.60 -4.27 -3.96
CA TYR A 497 4.85 -4.89 -3.64
C TYR A 497 5.20 -6.20 -4.39
N GLU A 498 4.23 -6.91 -4.88
CA GLU A 498 4.51 -8.20 -5.47
C GLU A 498 4.20 -8.32 -6.93
N LEU A 499 4.99 -9.15 -7.59
CA LEU A 499 4.83 -9.42 -9.00
C LEU A 499 4.97 -10.92 -9.18
N PRO A 500 4.31 -11.45 -10.19
CA PRO A 500 4.31 -12.88 -10.46
C PRO A 500 5.53 -13.38 -11.20
N PHE A 501 6.67 -13.33 -10.57
CA PHE A 501 7.87 -13.78 -11.25
C PHE A 501 7.77 -15.23 -11.70
N ASN A 502 7.23 -16.10 -10.87
CA ASN A 502 7.06 -17.51 -11.32
C ASN A 502 6.36 -17.63 -12.66
N GLU A 503 5.31 -16.84 -12.82
CA GLU A 503 4.49 -16.83 -14.02
C GLU A 503 5.07 -16.06 -15.23
N MET A 504 6.28 -15.56 -15.22
CA MET A 504 6.69 -14.78 -16.39
C MET A 504 7.57 -15.58 -17.29
N GLN A 505 7.60 -15.17 -18.56
CA GLN A 505 8.06 -15.98 -19.74
C GLN A 505 8.50 -15.17 -20.96
N TYR A 506 9.50 -15.62 -21.70
CA TYR A 506 9.72 -15.11 -23.07
C TYR A 506 8.99 -15.94 -24.18
#